data_7ZOV
#
_entry.id   7ZOV
#
_cell.length_a   61.990
_cell.length_b   61.990
_cell.length_c   109.820
_cell.angle_alpha   90.000
_cell.angle_beta   90.000
_cell.angle_gamma   120.000
#
_symmetry.space_group_name_H-M   'P 3 2 1'
#
loop_
_entity.id
_entity.type
_entity.pdbx_description
1 polymer 'Synechocystis halorhodopsin'
2 non-polymer 'CHLORIDE ION'
3 non-polymer EICOSANE
4 non-polymer '(2R)-2,3-dihydroxypropyl (9Z)-octadec-9-enoate'
5 non-polymer 'OLEIC ACID'
6 water water
#
_entity_poly.entity_id   1
_entity_poly.type   'polypeptide(L)'
_entity_poly.pdbx_seq_one_letter_code
;(FME)AQIWLWIGVIGMALGSIFFGIGAHNAKNERWKILFTINFFICAIATGLYLSMALGQGRSVIAGRPTVWVRYITWF
LSTPLLILDLTFLGKTSLPITASLLGANAYMIATGFVATISADRTIGHIWYVVSCFAFLATVYLLVNQYRKQAERNYPQA
KKVFRKLLSVHLVLWTLYPIVWLLGNTGFNAVNQGTETMFYTILDITS(LYR)VGFGFLSLNSMHTLEKNTESVSSYESS
TI
;
_entity_poly.pdbx_strand_id   A
#
loop_
_chem_comp.id
_chem_comp.type
_chem_comp.name
_chem_comp.formula
CL non-polymer 'CHLORIDE ION' 'Cl -1'
LFA non-polymer EICOSANE 'C20 H42'
OLA non-polymer 'OLEIC ACID' 'C18 H34 O2'
OLC non-polymer '(2R)-2,3-dihydroxypropyl (9Z)-octadec-9-enoate' 'C21 H40 O4'
#
# COMPACT_ATOMS: atom_id res chain seq x y z
N FME A 1 12.55 -8.61 -19.44
CN FME A 1 11.61 -8.50 -20.45
O1 FME A 1 10.39 -8.67 -20.28
CA FME A 1 12.21 -8.95 -18.09
CB FME A 1 13.43 -9.11 -17.17
CG FME A 1 13.02 -9.54 -15.79
SD FME A 1 14.48 -9.75 -14.81
CE FME A 1 13.75 -10.20 -13.28
C FME A 1 11.31 -7.89 -17.45
O FME A 1 10.31 -8.17 -16.79
N ALA A 2 11.67 -6.63 -17.66
CA ALA A 2 10.88 -5.52 -17.13
C ALA A 2 9.48 -5.52 -17.74
N GLN A 3 9.43 -5.66 -19.07
CA GLN A 3 8.15 -5.57 -19.76
C GLN A 3 7.19 -6.66 -19.29
N ILE A 4 7.68 -7.89 -19.14
CA ILE A 4 6.77 -8.97 -18.73
C ILE A 4 6.23 -8.71 -17.34
N TRP A 5 7.08 -8.23 -16.42
CA TRP A 5 6.63 -7.97 -15.06
C TRP A 5 5.61 -6.83 -14.99
N LEU A 6 5.72 -5.85 -15.89
CA LEU A 6 4.73 -4.78 -15.92
C LEU A 6 3.37 -5.33 -16.35
N TRP A 7 3.35 -6.26 -17.31
CA TRP A 7 2.09 -6.86 -17.71
C TRP A 7 1.56 -7.79 -16.64
N ILE A 8 2.46 -8.49 -15.93
N ILE A 8 2.45 -8.48 -15.92
CA ILE A 8 2.04 -9.27 -14.77
CA ILE A 8 2.01 -9.27 -14.79
C ILE A 8 1.30 -8.37 -13.79
C ILE A 8 1.31 -8.39 -13.77
N GLY A 9 1.82 -7.18 -13.54
CA GLY A 9 1.16 -6.24 -12.65
C GLY A 9 -0.21 -5.85 -13.17
N VAL A 10 -0.29 -5.54 -14.46
CA VAL A 10 -1.60 -5.22 -15.05
C VAL A 10 -2.58 -6.34 -14.79
N ILE A 11 -2.17 -7.58 -15.09
CA ILE A 11 -3.06 -8.73 -14.91
C ILE A 11 -3.43 -8.88 -13.44
N GLY A 12 -2.43 -8.89 -12.56
CA GLY A 12 -2.69 -9.14 -11.15
C GLY A 12 -3.58 -8.08 -10.53
N MET A 13 -3.30 -6.80 -10.84
CA MET A 13 -4.14 -5.73 -10.31
C MET A 13 -5.54 -5.76 -10.91
N ALA A 14 -5.65 -6.07 -12.20
CA ALA A 14 -6.97 -6.18 -12.81
C ALA A 14 -7.77 -7.29 -12.17
N LEU A 15 -7.14 -8.46 -11.95
CA LEU A 15 -7.86 -9.54 -11.28
C LEU A 15 -8.28 -9.14 -9.88
N GLY A 16 -7.39 -8.49 -9.13
CA GLY A 16 -7.77 -7.97 -7.82
C GLY A 16 -8.95 -7.03 -7.90
N SER A 17 -8.91 -6.10 -8.85
CA SER A 17 -10.03 -5.16 -9.02
C SER A 17 -11.34 -5.92 -9.28
N ILE A 18 -11.29 -6.91 -10.17
CA ILE A 18 -12.51 -7.63 -10.53
C ILE A 18 -13.10 -8.32 -9.30
N PHE A 19 -12.25 -9.02 -8.53
CA PHE A 19 -12.81 -9.78 -7.43
C PHE A 19 -13.24 -8.87 -6.28
N PHE A 20 -12.53 -7.78 -6.02
CA PHE A 20 -13.04 -6.84 -5.01
C PHE A 20 -14.30 -6.14 -5.51
N GLY A 21 -14.35 -5.83 -6.81
CA GLY A 21 -15.56 -5.21 -7.34
C GLY A 21 -16.78 -6.13 -7.24
N ILE A 22 -16.59 -7.41 -7.54
CA ILE A 22 -17.67 -8.39 -7.35
C ILE A 22 -18.09 -8.42 -5.90
N GLY A 23 -17.12 -8.43 -4.98
CA GLY A 23 -17.46 -8.42 -3.56
C GLY A 23 -18.21 -7.17 -3.17
N ALA A 24 -17.81 -6.02 -3.71
CA ALA A 24 -18.52 -4.79 -3.42
C ALA A 24 -19.95 -4.87 -3.93
N HIS A 25 -20.12 -5.39 -5.14
CA HIS A 25 -21.45 -5.48 -5.72
C HIS A 25 -22.38 -6.36 -4.89
N ASN A 26 -21.85 -7.44 -4.33
N ASN A 26 -21.84 -7.40 -4.25
CA ASN A 26 -22.66 -8.39 -3.57
CA ASN A 26 -22.65 -8.36 -3.51
C ASN A 26 -22.83 -8.00 -2.10
C ASN A 26 -22.48 -8.25 -2.00
N ALA A 27 -22.05 -7.05 -1.60
N ALA A 27 -21.96 -7.13 -1.50
CA ALA A 27 -22.11 -6.71 -0.19
CA ALA A 27 -21.75 -6.98 -0.07
C ALA A 27 -23.39 -5.93 0.11
C ALA A 27 -23.08 -6.89 0.67
N LYS A 28 -24.18 -6.43 1.06
N LYS A 28 -23.13 -7.49 1.88
CA LYS A 28 -25.42 -5.76 1.48
CA LYS A 28 -24.40 -7.62 2.58
C LYS A 28 -25.26 -4.99 2.78
C LYS A 28 -24.78 -6.36 3.36
N ASN A 29 -24.23 -5.30 3.57
N ASN A 29 -23.80 -5.70 3.98
CA ASN A 29 -23.90 -4.56 4.78
CA ASN A 29 -24.07 -4.48 4.74
C ASN A 29 -22.98 -3.40 4.42
C ASN A 29 -23.16 -3.37 4.27
N GLU A 30 -23.31 -2.19 4.90
CA GLU A 30 -22.55 -1.01 4.48
C GLU A 30 -21.07 -1.14 4.83
N ARG A 31 -20.75 -1.65 6.02
CA ARG A 31 -19.35 -1.79 6.39
C ARG A 31 -18.61 -2.73 5.44
N TRP A 32 -19.23 -3.83 5.05
CA TRP A 32 -18.62 -4.69 4.04
C TRP A 32 -18.51 -3.99 2.69
N LYS A 33 -19.55 -3.24 2.32
N LYS A 33 -19.53 -3.23 2.31
CA LYS A 33 -19.53 -2.52 1.05
CA LYS A 33 -19.47 -2.56 1.02
C LYS A 33 -18.38 -1.52 1.00
C LYS A 33 -18.37 -1.50 0.99
N ILE A 34 -18.21 -0.75 2.08
CA ILE A 34 -17.10 0.19 2.20
C ILE A 34 -15.76 -0.53 2.04
N LEU A 35 -15.57 -1.63 2.78
CA LEU A 35 -14.26 -2.29 2.76
C LEU A 35 -13.95 -2.85 1.38
N PHE A 36 -14.93 -3.46 0.71
CA PHE A 36 -14.70 -3.93 -0.64
C PHE A 36 -14.41 -2.77 -1.59
N THR A 37 -15.08 -1.64 -1.37
CA THR A 37 -14.91 -0.50 -2.27
C THR A 37 -13.52 0.11 -2.12
N ILE A 38 -13.03 0.23 -0.88
CA ILE A 38 -11.67 0.72 -0.67
C ILE A 38 -10.69 -0.15 -1.45
N ASN A 39 -10.80 -1.47 -1.30
CA ASN A 39 -9.82 -2.35 -1.94
C ASN A 39 -10.01 -2.39 -3.44
N PHE A 40 -11.25 -2.27 -3.93
CA PHE A 40 -11.45 -2.16 -5.37
C PHE A 40 -10.64 -0.99 -5.93
N PHE A 41 -10.71 0.16 -5.27
CA PHE A 41 -10.07 1.33 -5.84
C PHE A 41 -8.55 1.28 -5.71
N ILE A 42 -8.05 0.73 -4.60
CA ILE A 42 -6.62 0.44 -4.51
C ILE A 42 -6.16 -0.31 -5.75
N CYS A 43 -6.85 -1.40 -6.08
CA CYS A 43 -6.42 -2.23 -7.21
C CYS A 43 -6.74 -1.58 -8.55
N ALA A 44 -7.82 -0.82 -8.64
CA ALA A 44 -8.11 -0.14 -9.89
C ALA A 44 -7.08 0.93 -10.19
N ILE A 45 -6.72 1.73 -9.19
CA ILE A 45 -5.63 2.70 -9.36
C ILE A 45 -4.37 2.01 -9.85
N ALA A 46 -3.99 0.93 -9.19
CA ALA A 46 -2.75 0.25 -9.55
C ALA A 46 -2.84 -0.40 -10.93
N THR A 47 -4.00 -0.90 -11.33
CA THR A 47 -4.14 -1.39 -12.71
C THR A 47 -3.77 -0.30 -13.70
N GLY A 48 -4.23 0.94 -13.45
CA GLY A 48 -3.90 2.04 -14.33
C GLY A 48 -2.43 2.38 -14.29
N LEU A 49 -1.83 2.42 -13.09
CA LEU A 49 -0.38 2.54 -12.98
C LEU A 49 0.30 1.51 -13.87
N TYR A 50 -0.02 0.23 -13.68
CA TYR A 50 0.75 -0.79 -14.37
C TYR A 50 0.51 -0.76 -15.88
N LEU A 51 -0.70 -0.38 -16.31
CA LEU A 51 -0.95 -0.21 -17.74
C LEU A 51 -0.10 0.91 -18.32
N SER A 52 -0.06 2.07 -17.63
CA SER A 52 0.78 3.16 -18.11
C SER A 52 2.23 2.73 -18.20
N MET A 53 2.75 2.07 -17.17
CA MET A 53 4.14 1.62 -17.24
C MET A 53 4.33 0.58 -18.33
N ALA A 54 3.41 -0.38 -18.45
CA ALA A 54 3.53 -1.42 -19.47
C ALA A 54 3.54 -0.83 -20.86
N LEU A 55 2.80 0.27 -21.08
CA LEU A 55 2.78 0.93 -22.37
C LEU A 55 3.96 1.86 -22.59
N GLY A 56 4.89 1.93 -21.64
CA GLY A 56 6.06 2.74 -21.81
C GLY A 56 5.95 4.16 -21.31
N GLN A 57 4.91 4.48 -20.56
CA GLN A 57 4.67 5.84 -20.09
C GLN A 57 5.15 6.00 -18.65
N GLY A 58 5.16 7.24 -18.18
CA GLY A 58 5.49 7.50 -16.79
C GLY A 58 6.95 7.43 -16.44
N ARG A 59 7.83 7.47 -17.45
CA ARG A 59 9.26 7.25 -17.30
C ARG A 59 9.99 8.36 -18.00
N SER A 60 11.06 8.86 -17.37
CA SER A 60 11.89 9.89 -17.94
C SER A 60 13.34 9.50 -17.73
N VAL A 61 14.20 9.91 -18.65
CA VAL A 61 15.64 9.76 -18.46
C VAL A 61 16.14 11.08 -17.88
N ILE A 62 16.48 11.06 -16.61
CA ILE A 62 16.87 12.27 -15.87
C ILE A 62 18.39 12.24 -15.78
N ALA A 63 19.05 13.12 -16.54
CA ALA A 63 20.50 13.20 -16.49
C ALA A 63 21.13 11.82 -16.69
N GLY A 64 20.55 11.06 -17.62
CA GLY A 64 21.07 9.75 -17.98
C GLY A 64 20.51 8.60 -17.19
N ARG A 65 19.69 8.85 -16.16
CA ARG A 65 19.16 7.81 -15.28
C ARG A 65 17.70 7.56 -15.60
N PRO A 66 17.33 6.39 -16.12
CA PRO A 66 15.91 6.08 -16.36
C PRO A 66 15.14 6.12 -15.06
N THR A 67 14.05 6.90 -15.04
CA THR A 67 13.36 7.14 -13.78
C THR A 67 11.86 7.04 -13.98
N VAL A 68 11.24 6.11 -13.25
CA VAL A 68 9.81 5.86 -13.35
C VAL A 68 9.15 6.76 -12.32
N TRP A 69 8.66 7.90 -12.78
CA TRP A 69 8.03 8.81 -11.85
C TRP A 69 6.55 8.52 -11.63
N VAL A 70 5.90 7.77 -12.53
CA VAL A 70 4.45 7.66 -12.42
C VAL A 70 4.04 6.88 -11.18
N ARG A 71 4.88 5.95 -10.71
CA ARG A 71 4.47 5.16 -9.55
C ARG A 71 4.25 6.02 -8.33
N TYR A 72 4.97 7.14 -8.20
CA TYR A 72 4.73 8.00 -7.05
C TYR A 72 3.38 8.71 -7.14
N ILE A 73 2.92 9.01 -8.35
CA ILE A 73 1.63 9.67 -8.51
C ILE A 73 0.51 8.75 -8.08
N THR A 74 0.53 7.48 -8.53
CA THR A 74 -0.55 6.58 -8.15
C THR A 74 -0.41 6.08 -6.71
N TRP A 75 0.83 5.83 -6.26
N TRP A 75 0.83 5.82 -6.26
CA TRP A 75 1.08 5.45 -4.84
CA TRP A 75 1.08 5.44 -4.85
C TRP A 75 0.48 6.51 -3.92
C TRP A 75 0.46 6.50 -3.92
N PHE A 76 0.57 7.78 -4.30
CA PHE A 76 0.04 8.86 -3.48
C PHE A 76 -1.47 8.73 -3.32
N LEU A 77 -2.15 8.07 -4.28
CA LEU A 77 -3.58 7.82 -4.21
C LEU A 77 -3.93 6.45 -3.63
N SER A 78 -3.14 5.42 -3.90
CA SER A 78 -3.50 4.09 -3.41
C SER A 78 -3.03 3.87 -1.98
N THR A 79 -1.86 4.38 -1.60
CA THR A 79 -1.38 4.10 -0.25
C THR A 79 -2.28 4.71 0.82
N PRO A 80 -2.89 5.90 0.64
CA PRO A 80 -3.85 6.34 1.68
C PRO A 80 -5.03 5.41 1.83
N LEU A 81 -5.45 4.74 0.74
CA LEU A 81 -6.55 3.79 0.86
C LEU A 81 -6.14 2.56 1.65
N LEU A 82 -4.89 2.12 1.49
N LEU A 82 -4.89 2.13 1.51
CA LEU A 82 -4.36 0.99 2.31
CA LEU A 82 -4.34 1.04 2.36
C LEU A 82 -4.35 1.42 3.78
C LEU A 82 -4.44 1.47 3.83
N ILE A 83 -3.97 2.68 4.07
N ILE A 83 -3.98 2.68 4.15
CA ILE A 83 -4.11 3.22 5.42
CA ILE A 83 -4.13 3.20 5.51
C ILE A 83 -5.56 3.19 5.85
C ILE A 83 -5.60 3.22 5.90
N LEU A 84 -6.47 3.57 4.95
CA LEU A 84 -7.89 3.58 5.27
C LEU A 84 -8.41 2.16 5.55
N ASP A 85 -7.88 1.15 4.83
CA ASP A 85 -8.16 -0.23 5.22
C ASP A 85 -7.89 -0.42 6.71
N LEU A 86 -6.70 0.01 7.14
CA LEU A 86 -6.31 -0.18 8.52
C LEU A 86 -7.20 0.64 9.46
N THR A 87 -7.40 1.92 9.16
CA THR A 87 -8.13 2.75 10.12
C THR A 87 -9.63 2.43 10.12
N PHE A 88 -10.17 1.98 8.98
CA PHE A 88 -11.55 1.49 8.97
C PHE A 88 -11.69 0.26 9.84
N LEU A 89 -10.81 -0.72 9.67
CA LEU A 89 -10.89 -1.94 10.46
C LEU A 89 -10.67 -1.65 11.95
N GLY A 90 -9.74 -0.77 12.27
CA GLY A 90 -9.45 -0.51 13.67
C GLY A 90 -10.30 0.55 14.30
N LYS A 91 -11.25 1.13 13.57
CA LYS A 91 -12.10 2.23 14.04
C LYS A 91 -11.27 3.34 14.69
N THR A 92 -10.18 3.69 14.03
CA THR A 92 -9.22 4.65 14.54
C THR A 92 -9.84 6.04 14.68
N SER A 93 -9.37 6.77 15.69
CA SER A 93 -9.88 8.11 15.92
C SER A 93 -9.44 9.06 14.80
N LEU A 94 -10.12 10.20 14.72
CA LEU A 94 -9.85 11.17 13.67
C LEU A 94 -8.43 11.73 13.70
N PRO A 95 -7.91 12.22 14.84
CA PRO A 95 -6.53 12.75 14.81
C PRO A 95 -5.49 11.70 14.46
N ILE A 96 -5.66 10.45 14.87
CA ILE A 96 -4.68 9.43 14.54
C ILE A 96 -4.82 9.00 13.08
N THR A 97 -6.06 8.88 12.59
CA THR A 97 -6.27 8.63 11.16
C THR A 97 -5.64 9.73 10.30
N ALA A 98 -5.93 10.99 10.63
CA ALA A 98 -5.33 12.10 9.90
C ALA A 98 -3.81 12.07 9.99
N SER A 99 -3.27 11.80 11.18
CA SER A 99 -1.82 11.76 11.32
C SER A 99 -1.21 10.66 10.46
N LEU A 100 -1.88 9.51 10.39
CA LEU A 100 -1.38 8.42 9.55
C LEU A 100 -1.44 8.80 8.09
N LEU A 101 -2.57 9.35 7.64
CA LEU A 101 -2.69 9.79 6.25
C LEU A 101 -1.70 10.91 5.92
N GLY A 102 -1.50 11.83 6.86
CA GLY A 102 -0.55 12.92 6.63
C GLY A 102 0.89 12.43 6.54
N ALA A 103 1.31 11.62 7.52
CA ALA A 103 2.66 11.08 7.49
C ALA A 103 2.88 10.23 6.26
N ASN A 104 1.88 9.43 5.88
CA ASN A 104 2.03 8.62 4.66
C ASN A 104 2.13 9.51 3.42
N ALA A 105 1.28 10.54 3.34
CA ALA A 105 1.39 11.47 2.22
C ALA A 105 2.77 12.12 2.17
N TYR A 106 3.28 12.53 3.34
CA TYR A 106 4.62 13.10 3.40
C TYR A 106 5.66 12.12 2.88
N MET A 107 5.54 10.85 3.29
CA MET A 107 6.48 9.83 2.86
C MET A 107 6.51 9.70 1.35
N ILE A 108 5.33 9.57 0.72
CA ILE A 108 5.28 9.38 -0.73
C ILE A 108 5.78 10.61 -1.45
N ALA A 109 5.40 11.81 -0.97
CA ALA A 109 5.82 13.04 -1.62
C ALA A 109 7.33 13.20 -1.56
N THR A 110 7.94 13.02 -0.39
CA THR A 110 9.40 13.15 -0.33
C THR A 110 10.08 11.97 -1.03
N GLY A 111 9.45 10.80 -1.06
CA GLY A 111 9.97 9.73 -1.89
C GLY A 111 10.01 10.11 -3.36
N PHE A 112 8.96 10.80 -3.84
CA PHE A 112 8.95 11.30 -5.20
C PHE A 112 10.12 12.25 -5.44
N VAL A 113 10.27 13.25 -4.56
CA VAL A 113 11.39 14.18 -4.70
C VAL A 113 12.72 13.45 -4.62
N ALA A 114 12.84 12.49 -3.68
CA ALA A 114 14.07 11.70 -3.59
C ALA A 114 14.40 11.01 -4.91
N THR A 115 13.37 10.66 -5.68
CA THR A 115 13.52 9.92 -6.92
C THR A 115 13.85 10.83 -8.11
N ILE A 116 13.15 11.96 -8.24
CA ILE A 116 13.32 12.76 -9.46
C ILE A 116 14.45 13.78 -9.38
N SER A 117 15.03 14.02 -8.20
CA SER A 117 16.11 15.00 -8.09
C SER A 117 17.28 14.56 -8.96
N ALA A 118 17.76 15.46 -9.82
CA ALA A 118 18.94 15.14 -10.60
C ALA A 118 20.17 15.01 -9.70
N ASP A 119 20.29 15.91 -8.73
CA ASP A 119 21.37 15.84 -7.76
C ASP A 119 21.08 14.71 -6.79
N ARG A 120 21.82 13.60 -6.90
CA ARG A 120 21.44 12.42 -6.13
C ARG A 120 21.83 12.54 -4.66
N THR A 121 22.74 13.46 -4.32
CA THR A 121 22.95 13.74 -2.91
C THR A 121 21.70 14.37 -2.29
N ILE A 122 21.13 15.36 -2.99
CA ILE A 122 19.85 15.92 -2.55
C ILE A 122 18.77 14.85 -2.52
N GLY A 123 18.71 14.02 -3.57
CA GLY A 123 17.74 12.93 -3.57
C GLY A 123 17.88 12.02 -2.37
N HIS A 124 19.12 11.72 -1.98
CA HIS A 124 19.33 10.84 -0.83
C HIS A 124 18.96 11.51 0.48
N ILE A 125 19.11 12.83 0.57
CA ILE A 125 18.59 13.55 1.73
C ILE A 125 17.08 13.33 1.84
N TRP A 126 16.36 13.55 0.73
CA TRP A 126 14.91 13.34 0.73
C TRP A 126 14.57 11.88 1.01
N TYR A 127 15.41 10.94 0.59
CA TYR A 127 15.16 9.54 0.95
C TYR A 127 15.16 9.36 2.46
N VAL A 128 16.13 9.97 3.15
CA VAL A 128 16.19 9.89 4.61
C VAL A 128 14.95 10.53 5.22
N VAL A 129 14.57 11.73 4.74
CA VAL A 129 13.35 12.36 5.19
C VAL A 129 12.16 11.43 5.02
N SER A 130 12.04 10.84 3.82
CA SER A 130 10.94 9.93 3.56
C SER A 130 10.98 8.74 4.52
N CYS A 131 12.18 8.22 4.82
CA CYS A 131 12.28 7.13 5.77
C CYS A 131 11.78 7.56 7.14
N PHE A 132 12.07 8.81 7.54
N PHE A 132 12.09 8.80 7.55
CA PHE A 132 11.59 9.26 8.85
CA PHE A 132 11.60 9.31 8.82
C PHE A 132 10.08 9.49 8.85
C PHE A 132 10.08 9.42 8.82
N ALA A 133 9.51 9.91 7.72
CA ALA A 133 8.06 9.93 7.61
C ALA A 133 7.48 8.52 7.73
N PHE A 134 8.13 7.53 7.12
CA PHE A 134 7.68 6.15 7.30
C PHE A 134 7.78 5.71 8.75
N LEU A 135 8.89 6.04 9.41
CA LEU A 135 9.06 5.66 10.81
C LEU A 135 8.02 6.35 11.69
N ALA A 136 7.60 7.56 11.32
CA ALA A 136 6.49 8.21 12.00
C ALA A 136 5.23 7.35 11.93
N THR A 137 4.91 6.82 10.75
CA THR A 137 3.75 5.94 10.66
C THR A 137 3.94 4.68 11.47
N VAL A 138 5.17 4.13 11.48
CA VAL A 138 5.43 2.95 12.30
C VAL A 138 5.10 3.23 13.75
N TYR A 139 5.58 4.36 14.26
CA TYR A 139 5.31 4.75 15.64
C TYR A 139 3.81 4.86 15.90
N LEU A 140 3.11 5.58 15.02
CA LEU A 140 1.66 5.72 15.14
C LEU A 140 0.95 4.37 15.07
N LEU A 141 1.41 3.49 14.17
CA LEU A 141 0.71 2.23 13.95
C LEU A 141 0.83 1.30 15.15
N VAL A 142 2.05 1.15 15.69
CA VAL A 142 2.25 0.20 16.78
C VAL A 142 1.94 0.80 18.14
N ASN A 143 1.65 2.10 18.22
CA ASN A 143 1.25 2.70 19.48
C ASN A 143 -0.22 3.07 19.40
N GLN A 144 -0.56 4.30 19.00
CA GLN A 144 -1.94 4.77 19.11
C GLN A 144 -2.91 3.91 18.30
N TYR A 145 -2.56 3.59 17.05
CA TYR A 145 -3.45 2.77 16.22
C TYR A 145 -3.74 1.44 16.91
N ARG A 146 -2.69 0.75 17.34
CA ARG A 146 -2.84 -0.58 17.91
C ARG A 146 -3.63 -0.53 19.21
N LYS A 147 -3.33 0.44 20.08
CA LYS A 147 -4.03 0.51 21.36
C LYS A 147 -5.52 0.80 21.16
N GLN A 148 -5.86 1.72 20.26
CA GLN A 148 -7.26 1.97 19.96
C GLN A 148 -7.93 0.72 19.39
N ALA A 149 -7.25 0.03 18.48
CA ALA A 149 -7.84 -1.16 17.85
C ALA A 149 -8.08 -2.24 18.89
N GLU A 150 -7.10 -2.46 19.77
CA GLU A 150 -7.25 -3.45 20.83
C GLU A 150 -8.31 -3.04 21.84
N ARG A 151 -8.45 -1.74 22.08
CA ARG A 151 -9.53 -1.27 22.95
C ARG A 151 -10.88 -1.49 22.29
N ASN A 152 -10.95 -1.32 20.96
CA ASN A 152 -12.21 -1.49 20.23
C ASN A 152 -12.57 -2.95 20.03
N TYR A 153 -11.57 -3.83 20.00
CA TYR A 153 -11.77 -5.27 19.78
C TYR A 153 -10.89 -6.02 20.76
N PRO A 154 -11.27 -6.03 22.04
CA PRO A 154 -10.40 -6.67 23.06
C PRO A 154 -10.17 -8.14 22.83
N GLN A 155 -11.06 -8.82 22.11
CA GLN A 155 -10.93 -10.25 21.83
C GLN A 155 -10.27 -10.54 20.50
N ALA A 156 -9.77 -9.53 19.81
CA ALA A 156 -9.22 -9.70 18.47
C ALA A 156 -7.86 -9.05 18.32
N LYS A 157 -7.07 -9.02 19.41
N LYS A 157 -7.08 -9.02 19.42
CA LYS A 157 -5.74 -8.42 19.34
CA LYS A 157 -5.74 -8.44 19.35
C LYS A 157 -4.85 -9.11 18.32
C LYS A 157 -4.88 -9.11 18.29
N LYS A 158 -5.04 -10.42 18.12
CA LYS A 158 -4.24 -11.14 17.12
C LYS A 158 -4.54 -10.63 15.72
N VAL A 159 -5.80 -10.29 15.45
CA VAL A 159 -6.15 -9.81 14.11
C VAL A 159 -5.34 -8.58 13.75
N PHE A 160 -5.27 -7.62 14.67
CA PHE A 160 -4.51 -6.42 14.38
C PHE A 160 -3.01 -6.67 14.43
N ARG A 161 -2.57 -7.65 15.23
CA ARG A 161 -1.17 -8.02 15.18
C ARG A 161 -0.77 -8.49 13.79
N LYS A 162 -1.62 -9.31 13.16
CA LYS A 162 -1.28 -9.81 11.83
C LYS A 162 -1.36 -8.69 10.78
N LEU A 163 -2.40 -7.86 10.84
CA LEU A 163 -2.49 -6.72 9.94
C LEU A 163 -1.24 -5.85 10.03
N LEU A 164 -0.83 -5.52 11.24
CA LEU A 164 0.31 -4.62 11.40
C LEU A 164 1.61 -5.27 10.94
N SER A 165 1.80 -6.55 11.28
N SER A 165 1.80 -6.56 11.26
CA SER A 165 3.03 -7.25 10.90
CA SER A 165 3.05 -7.22 10.90
C SER A 165 3.16 -7.33 9.39
C SER A 165 3.18 -7.35 9.39
N VAL A 166 2.07 -7.66 8.70
CA VAL A 166 2.11 -7.73 7.25
C VAL A 166 2.36 -6.35 6.65
N HIS A 167 1.64 -5.34 7.14
CA HIS A 167 1.86 -3.97 6.64
C HIS A 167 3.30 -3.53 6.85
N LEU A 168 3.82 -3.68 8.07
CA LEU A 168 5.13 -3.13 8.37
C LEU A 168 6.24 -3.86 7.63
N VAL A 169 6.20 -5.19 7.61
CA VAL A 169 7.25 -5.94 6.95
C VAL A 169 7.26 -5.65 5.45
N LEU A 170 6.08 -5.69 4.82
N LEU A 170 6.09 -5.71 4.82
CA LEU A 170 6.00 -5.47 3.38
CA LEU A 170 5.98 -5.46 3.38
C LEU A 170 6.41 -4.05 2.99
C LEU A 170 6.43 -4.05 3.02
N TRP A 171 5.91 -3.06 3.73
CA TRP A 171 6.23 -1.69 3.37
C TRP A 171 7.69 -1.35 3.62
N THR A 172 8.32 -2.00 4.61
CA THR A 172 9.74 -1.78 4.83
C THR A 172 10.57 -2.26 3.65
N LEU A 173 10.06 -3.21 2.86
CA LEU A 173 10.85 -3.69 1.73
C LEU A 173 10.98 -2.64 0.63
N TYR A 174 10.03 -1.71 0.54
CA TYR A 174 10.09 -0.71 -0.52
C TYR A 174 11.34 0.17 -0.43
N PRO A 175 11.68 0.77 0.71
CA PRO A 175 12.93 1.55 0.76
C PRO A 175 14.17 0.71 0.56
N ILE A 176 14.10 -0.60 0.81
CA ILE A 176 15.23 -1.46 0.52
C ILE A 176 15.41 -1.60 -0.99
N VAL A 177 14.32 -1.90 -1.71
CA VAL A 177 14.37 -1.96 -3.17
C VAL A 177 14.90 -0.65 -3.74
N TRP A 178 14.42 0.47 -3.18
CA TRP A 178 14.84 1.79 -3.66
C TRP A 178 16.36 1.97 -3.52
N LEU A 179 16.92 1.52 -2.40
CA LEU A 179 18.37 1.60 -2.23
C LEU A 179 19.11 0.66 -3.18
N LEU A 180 18.48 -0.47 -3.54
CA LEU A 180 19.14 -1.42 -4.43
C LEU A 180 19.09 -0.97 -5.88
N GLY A 181 18.06 -0.23 -6.26
CA GLY A 181 17.85 0.17 -7.65
C GLY A 181 18.72 1.35 -8.03
N ASN A 182 18.49 1.85 -9.25
CA ASN A 182 19.35 2.92 -9.75
C ASN A 182 19.10 4.25 -9.05
N THR A 183 18.14 4.31 -8.13
CA THR A 183 17.97 5.46 -7.26
C THR A 183 19.02 5.51 -6.17
N GLY A 184 19.66 4.39 -5.87
CA GLY A 184 20.64 4.33 -4.80
C GLY A 184 21.94 3.73 -5.26
N PHE A 185 22.18 2.48 -4.87
CA PHE A 185 23.45 1.83 -5.17
C PHE A 185 23.49 1.20 -6.55
N ASN A 186 22.34 1.00 -7.19
CA ASN A 186 22.27 0.36 -8.48
C ASN A 186 22.89 -1.04 -8.42
N ALA A 187 22.51 -1.79 -7.39
CA ALA A 187 23.01 -3.15 -7.21
C ALA A 187 22.20 -4.19 -7.97
N VAL A 188 20.99 -3.85 -8.44
CA VAL A 188 20.20 -4.72 -9.29
C VAL A 188 19.83 -3.96 -10.54
N ASN A 189 19.66 -4.69 -11.65
CA ASN A 189 19.31 -4.06 -12.91
C ASN A 189 17.84 -3.63 -12.91
N GLN A 190 17.47 -2.87 -13.94
N GLN A 190 17.46 -2.86 -13.94
CA GLN A 190 16.12 -2.33 -14.01
CA GLN A 190 16.11 -2.33 -14.01
C GLN A 190 15.07 -3.43 -14.05
C GLN A 190 15.06 -3.43 -14.05
N GLY A 191 15.36 -4.54 -14.73
CA GLY A 191 14.39 -5.62 -14.84
C GLY A 191 14.12 -6.27 -13.50
N THR A 192 15.15 -6.38 -12.66
CA THR A 192 15.00 -6.94 -11.32
C THR A 192 14.30 -5.97 -10.39
N GLU A 193 14.69 -4.69 -10.43
CA GLU A 193 13.98 -3.67 -9.68
C GLU A 193 12.49 -3.66 -10.04
N THR A 194 12.17 -3.76 -11.32
CA THR A 194 10.77 -3.76 -11.74
C THR A 194 10.04 -4.98 -11.20
N MET A 195 10.68 -6.14 -11.27
CA MET A 195 10.07 -7.34 -10.70
C MET A 195 9.81 -7.18 -9.21
N PHE A 196 10.80 -6.64 -8.48
CA PHE A 196 10.65 -6.44 -7.04
C PHE A 196 9.46 -5.54 -6.72
N TYR A 197 9.39 -4.37 -7.36
CA TYR A 197 8.28 -3.46 -7.08
C TYR A 197 6.95 -4.09 -7.48
N THR A 198 6.94 -4.86 -8.57
CA THR A 198 5.71 -5.49 -9.03
C THR A 198 5.20 -6.51 -8.01
N ILE A 199 6.09 -7.37 -7.54
CA ILE A 199 5.70 -8.36 -6.54
C ILE A 199 5.27 -7.67 -5.25
N LEU A 200 6.03 -6.66 -4.83
CA LEU A 200 5.64 -5.90 -3.64
C LEU A 200 4.26 -5.28 -3.83
N ASP A 201 4.03 -4.65 -4.99
CA ASP A 201 2.75 -3.98 -5.22
C ASP A 201 1.60 -4.98 -5.21
N ILE A 202 1.75 -6.11 -5.92
CA ILE A 202 0.67 -7.08 -5.94
C ILE A 202 0.41 -7.61 -4.54
N THR A 203 1.46 -7.87 -3.77
CA THR A 203 1.29 -8.39 -2.42
C THR A 203 0.67 -7.35 -1.49
N SER A 204 1.16 -6.12 -1.54
N SER A 204 1.15 -6.12 -1.57
CA SER A 204 0.69 -5.07 -0.64
CA SER A 204 0.71 -5.05 -0.67
C SER A 204 -0.71 -4.56 -1.00
C SER A 204 -0.70 -4.54 -1.00
N LYR A 205 -1.20 -4.89 -2.19
N LYR A 205 -1.19 -4.84 -2.20
CA LYR A 205 -2.52 -4.42 -2.67
CA LYR A 205 -2.52 -4.40 -2.67
C LYR A 205 -3.52 -5.58 -2.70
C LYR A 205 -3.51 -5.59 -2.69
O LYR A 205 -4.48 -5.56 -1.92
O LYR A 205 -4.45 -5.57 -1.88
CB LYR A 205 -2.36 -3.74 -4.04
CB LYR A 205 -2.38 -3.73 -4.04
CG LYR A 205 -1.57 -2.44 -3.97
CG LYR A 205 -1.74 -2.34 -3.99
CD LYR A 205 -1.66 -1.58 -5.21
CD LYR A 205 -1.55 -1.69 -5.35
CE LYR A 205 -1.32 -0.13 -4.90
CE LYR A 205 -1.16 -0.23 -5.25
NZ LYR A 205 0.11 0.06 -4.67
NZ LYR A 205 0.14 -0.04 -4.58
C1 LYR A 205 0.54 -0.11 -3.29
C1 LYR A 205 0.05 -0.18 -3.13
C2 LYR A 205 1.91 0.47 -3.04
C2 LYR A 205 1.33 0.15 -2.41
C3 LYR A 205 2.52 0.54 -1.83
C3 LYR A 205 1.52 -0.12 -1.09
C4 LYR A 205 1.96 -0.06 -0.60
C4 LYR A 205 0.51 -0.82 -0.31
C5 LYR A 205 3.74 1.26 -1.72
C5 LYR A 205 2.68 0.29 -0.38
C6 LYR A 205 4.52 1.57 -0.63
C6 LYR A 205 3.71 1.11 -0.80
C7 LYR A 205 5.66 2.37 -0.68
C7 LYR A 205 4.79 1.55 -0.05
C80 LYR A 205 6.57 2.72 0.34
C80 LYR A 205 5.79 2.47 -0.40
C8 LYR A 205 6.30 2.23 1.70
C8 LYR A 205 5.70 3.05 -1.77
C9 LYR A 205 7.69 3.53 0.08
C9 LYR A 205 6.84 2.87 0.42
C10 LYR A 205 8.64 3.91 0.97
C10 LYR A 205 7.80 3.78 0.06
C11 LYR A 205 9.82 4.71 0.72
C11 LYR A 205 8.96 4.19 0.82
C12 LYR A 205 10.55 5.17 1.75
C12 LYR A 205 9.11 3.87 2.12
C13 LYR A 205 10.29 4.82 3.19
C13 LYR A 205 8.18 2.96 2.89
C14 LYR A 205 11.73 6.08 1.58
C14 LYR A 205 10.22 4.44 2.96
C15 LYR A 205 11.95 6.59 0.16
C15 LYR A 205 10.97 5.58 2.29
C16 LYR A 205 11.66 5.51 -0.82
C16 LYR A 205 11.26 5.25 0.86
C17 LYR A 205 10.22 4.98 -0.72
C17 LYR A 205 10.02 4.95 0.04
C18 LYR A 205 9.29 6.03 -1.35
C18 LYR A 205 9.43 6.31 -0.43
C19 LYR A 205 10.15 3.70 -1.57
C19 LYR A 205 10.45 4.16 -1.20
N VAL A 206 -3.29 -6.55 -3.58
CA VAL A 206 -4.19 -7.71 -3.68
C VAL A 206 -4.08 -8.56 -2.43
N GLY A 207 -2.84 -8.85 -2.03
CA GLY A 207 -2.64 -9.66 -0.84
C GLY A 207 -3.19 -9.01 0.41
N PHE A 208 -2.79 -7.76 0.66
CA PHE A 208 -3.31 -7.08 1.84
C PHE A 208 -4.82 -6.90 1.77
N GLY A 209 -5.35 -6.59 0.57
CA GLY A 209 -6.79 -6.53 0.40
C GLY A 209 -7.49 -7.79 0.89
N PHE A 210 -7.01 -8.95 0.47
CA PHE A 210 -7.68 -10.18 0.93
C PHE A 210 -7.47 -10.40 2.42
N LEU A 211 -6.30 -10.05 2.96
CA LEU A 211 -6.11 -10.12 4.41
C LEU A 211 -7.08 -9.20 5.15
N SER A 212 -7.32 -8.00 4.61
N SER A 212 -7.32 -7.99 4.62
CA SER A 212 -8.25 -7.08 5.29
CA SER A 212 -8.25 -7.07 5.28
C SER A 212 -9.66 -7.64 5.30
C SER A 212 -9.65 -7.65 5.31
N LEU A 213 -10.05 -8.33 4.22
CA LEU A 213 -11.36 -8.97 4.18
C LEU A 213 -11.44 -10.12 5.17
N ASN A 214 -10.43 -11.00 5.17
N ASN A 214 -10.43 -10.98 5.18
CA ASN A 214 -10.38 -12.05 6.18
CA ASN A 214 -10.36 -12.05 6.17
C ASN A 214 -10.42 -11.46 7.59
C ASN A 214 -10.39 -11.48 7.58
N SER A 215 -9.66 -10.38 7.81
CA SER A 215 -9.66 -9.74 9.12
C SER A 215 -11.05 -9.25 9.50
N MET A 216 -11.74 -8.59 8.56
N MET A 216 -11.76 -8.61 8.56
CA MET A 216 -13.10 -8.14 8.80
CA MET A 216 -13.11 -8.14 8.88
C MET A 216 -14.00 -9.30 9.22
C MET A 216 -14.04 -9.30 9.22
N HIS A 217 -13.91 -10.42 8.51
CA HIS A 217 -14.72 -11.59 8.85
C HIS A 217 -14.48 -12.02 10.28
N THR A 218 -13.21 -12.08 10.70
CA THR A 218 -12.91 -12.47 12.07
C THR A 218 -13.44 -11.45 13.07
N LEU A 219 -13.29 -10.16 12.76
CA LEU A 219 -13.78 -9.12 13.66
C LEU A 219 -15.29 -9.22 13.84
N GLU A 220 -16.02 -9.43 12.74
N GLU A 220 -16.02 -9.44 12.74
CA GLU A 220 -17.49 -9.49 12.84
CA GLU A 220 -17.49 -9.49 12.84
C GLU A 220 -17.93 -10.74 13.59
C GLU A 220 -17.95 -10.75 13.57
N LYS A 221 -17.23 -11.86 13.40
CA LYS A 221 -17.57 -13.08 14.13
C LYS A 221 -17.29 -12.91 15.61
N ASN A 222 -16.14 -12.32 15.96
CA ASN A 222 -15.81 -12.08 17.35
C ASN A 222 -16.82 -11.16 18.01
N THR A 223 -17.47 -10.29 17.23
CA THR A 223 -18.47 -9.37 17.76
C THR A 223 -19.87 -9.72 17.29
N GLU A 224 -20.14 -11.00 17.07
CA GLU A 224 -21.52 -11.43 16.86
C GLU A 224 -22.26 -11.41 18.18
N SER A 225 -23.49 -10.90 18.15
CA SER A 225 -24.33 -10.84 19.34
C SER A 225 -24.62 -12.24 19.88
CL CL B . -0.70 2.49 -7.33
C1 LFA C . -9.99 6.84 -7.20
C2 LFA C . -9.14 7.93 -7.80
C3 LFA C . -8.55 7.56 -9.14
C4 LFA C . -7.68 8.61 -9.75
C5 LFA C . -7.19 8.29 -11.14
C6 LFA C . -6.13 7.21 -11.22
C7 LFA C . -5.85 6.72 -12.63
C8 LFA C . -4.42 6.36 -12.89
C9 LFA C . -4.15 5.87 -14.30
C10 LFA C . -2.70 5.84 -14.71
C11 LFA C . -2.07 7.20 -14.95
C12 LFA C . -0.82 7.15 -15.80
C13 LFA C . -0.29 8.49 -16.23
C14 LFA C . 0.72 8.45 -17.37
C15 LFA C . 1.09 9.82 -17.89
C16 LFA C . 1.90 9.84 -19.16
C17 LFA C . 2.21 11.23 -19.65
C18 LFA C . 2.96 11.32 -20.95
C10 OLC D . 18.13 4.59 5.80
C9 OLC D . 19.30 4.05 5.55
C11 OLC D . 17.83 5.87 6.52
C8 OLC D . 20.64 4.70 5.60
C24 OLC D . 26.13 4.54 -5.28
C12 OLC D . 16.85 5.67 7.62
C7 OLC D . 21.43 4.46 4.34
C13 OLC D . 16.43 6.95 8.34
C6 OLC D . 20.69 4.87 3.07
C5 OLC D . 20.75 6.35 2.77
C4 OLC D . 21.94 6.74 1.92
C3 OLC D . 21.93 6.16 0.52
C2 OLC D . 23.22 6.36 -0.21
C21 OLC D . 24.54 5.54 -3.55
C1 OLC D . 23.20 5.87 -1.63
C22 OLC D . 25.87 4.86 -3.81
O19 OLC D . 22.22 5.53 -2.24
O25 OLC D . 26.42 5.70 -6.04
O23 OLC D . 26.94 5.65 -3.29
O20 OLC D . 24.43 5.79 -2.13
C1 OLA E . -11.92 19.48 11.78
O1 OLA E . -12.54 20.54 11.56
O2 OLA E . -12.30 18.62 12.61
C2 OLA E . -10.63 19.24 11.03
C3 OLA E . -9.92 17.96 11.35
C4 OLA E . -8.45 18.01 10.98
C5 OLA E . -7.68 16.75 11.27
C6 OLA E . -6.18 16.90 11.09
C7 OLA E . -5.78 17.75 9.91
C8 OLA E . -4.32 17.76 9.60
C9 OLA E . -3.88 16.51 8.92
C10 OLA E . -3.30 16.45 7.75
C11 OLA E . -3.16 15.19 6.98
C12 OLA E . -3.61 15.29 5.55
C13 OLA E . -3.71 13.95 4.84
C14 OLA E . -3.81 14.06 3.33
C15 OLA E . -4.05 12.75 2.62
C16 OLA E . -4.12 12.89 1.12
C17 OLA E . -4.68 11.70 0.39
C18 OLA E . -4.72 11.89 -1.11
C1 OLA F . -17.59 -0.70 -7.28
O1 OLA F . -18.78 -1.05 -7.20
O2 OLA F . -16.81 -0.66 -6.30
C2 OLA F . -17.03 -0.29 -8.64
C3 OLA F . -17.58 1.00 -9.16
C4 OLA F . -16.50 1.89 -9.77
C5 OLA F . -15.89 1.36 -11.04
C6 OLA F . -14.69 2.13 -11.54
C7 OLA F . -14.38 1.90 -13.01
C8 OLA F . -13.11 2.51 -13.50
C9 OLA F . -11.90 1.74 -13.12
C10 OLA F . -11.11 1.11 -13.96
C11 LFA G . -4.10 -13.34 -3.14
C12 LFA G . -2.77 -13.11 -3.82
C13 LFA G . -1.82 -12.22 -3.05
C14 LFA G . -0.51 -11.94 -3.72
C15 LFA G . 0.44 -13.11 -3.78
C16 LFA G . 1.77 -12.81 -4.43
C17 LFA G . 1.67 -12.48 -5.90
C18 LFA G . 3.00 -12.43 -6.62
C19 LFA G . 2.87 -12.27 -8.12
C20 LFA G . 4.16 -12.51 -8.87
C1 LFA H . -1.98 -8.22 -22.01
C2 LFA H . -0.61 -8.08 -22.66
C3 LFA H . -0.60 -7.28 -23.93
C4 LFA H . 0.77 -7.14 -24.60
C5 LFA H . 0.79 -6.22 -25.79
C6 LFA H . 2.16 -5.96 -26.35
C11 LFA I . 3.95 14.98 -11.90
C12 LFA I . 4.89 15.14 -13.08
C13 LFA I . 6.20 14.40 -12.93
C14 LFA I . 7.22 14.77 -13.97
C15 LFA I . 8.60 14.20 -13.74
C16 LFA I . 9.69 15.11 -14.27
C17 LFA I . 10.90 14.41 -14.86
C18 LFA I . 11.86 15.35 -15.54
C19 LFA I . 12.89 14.70 -16.43
C13 LFA J . 12.41 2.60 8.00
C14 LFA J . 13.80 2.68 7.45
C15 LFA J . 14.06 1.70 6.34
C16 LFA J . 15.50 1.61 5.90
C17 LFA J . 15.73 0.62 4.80
C18 LFA J . 17.16 0.49 4.36
C19 LFA J . 18.09 -0.12 5.38
C20 LFA J . 19.49 -0.33 4.86
C1 LFA K . 2.61 -9.22 -22.50
C2 LFA K . 4.05 -9.64 -22.64
C3 LFA K . 4.88 -8.65 -23.42
C4 LFA K . 6.33 -9.07 -23.51
C9 LFA L . 1.22 16.49 -2.94
C10 LFA L . 2.42 17.30 -3.34
C11 LFA L . 3.55 17.31 -2.34
C12 LFA L . 4.79 18.02 -2.84
C13 LFA L . 5.36 17.41 -4.10
C14 LFA L . 6.06 18.38 -5.02
C15 LFA L . 6.43 17.78 -6.35
C16 LFA L . 6.89 18.77 -7.40
C17 LFA L . 7.31 18.12 -8.71
C18 LFA L . 7.82 19.06 -9.75
C19 LFA L . 8.18 18.38 -11.06
C20 LFA L . 8.76 19.31 -12.09
C9 LFA M . 4.09 -13.14 -1.54
C10 LFA M . 4.99 -13.17 -0.33
C11 LFA M . 5.73 -11.89 -0.08
C12 LFA M . 6.50 -11.38 -1.28
C13 LFA M . 7.49 -10.28 -0.97
C14 LFA M . 8.12 -9.68 -2.20
C15 LFA M . 9.43 -8.97 -1.96
C16 LFA M . 10.05 -8.40 -3.21
C17 LFA M . 11.53 -8.13 -3.10
C18 LFA M . 11.92 -7.29 -1.90
C19 LFA M . 13.41 -7.22 -1.68
C20 LFA M . 13.80 -6.26 -0.59
C1 LFA N . 14.64 14.25 10.83
C2 LFA N . 14.48 14.02 9.35
C3 LFA N . 15.73 13.58 8.64
C4 LFA N . 16.84 14.60 8.69
C5 LFA N . 17.29 15.08 7.33
C6 LFA N . 18.40 14.28 6.70
C7 LFA N . 19.61 14.11 7.58
C8 LFA N . 20.86 13.68 6.84
C9 LFA N . 21.50 14.76 6.00
C10 LFA N . 22.74 14.32 5.26
C13 LFA O . -2.15 -4.40 -25.72
C14 LFA O . -3.59 -4.09 -25.41
C15 LFA O . -3.85 -3.75 -23.96
C16 LFA O . -5.26 -3.32 -23.69
C17 LFA O . -5.50 -2.73 -22.33
C18 LFA O . -5.67 -3.72 -21.21
C19 LFA O . -6.15 -3.05 -19.94
C20 LFA O . -6.47 -3.96 -18.78
C13 LFA P . -10.39 10.42 3.34
C14 LFA P . -9.27 11.11 2.60
C15 LFA P . -8.08 10.22 2.31
C16 LFA P . -8.29 9.21 1.19
C17 LFA P . -8.01 9.74 -0.19
C18 LFA P . -8.05 8.69 -1.29
C19 LFA P . -7.71 9.21 -2.66
C20 LFA P . -7.85 8.19 -3.77
C14 LFA Q . -13.05 -11.42 -17.00
C15 LFA Q . -12.34 -10.28 -17.69
C16 LFA Q . -10.83 -10.33 -17.60
C17 LFA Q . -10.14 -9.14 -18.23
C18 LFA Q . -8.64 -9.16 -18.13
C19 LFA Q . -8.09 -9.17 -16.73
C20 LFA Q . -6.58 -9.17 -16.67
C1 OLA R . 2.89 -5.87 15.94
O1 OLA R . 1.96 -5.10 16.26
O2 OLA R . 2.96 -7.07 16.29
C2 OLA R . 4.01 -5.32 15.07
C3 OLA R . 4.87 -6.36 14.43
C4 OLA R . 6.07 -5.76 13.71
C5 OLA R . 6.78 -6.71 12.79
C6 OLA R . 7.97 -6.10 12.08
C7 OLA R . 9.17 -5.84 12.97
C8 OLA R . 9.99 -7.05 13.27
C9 OLA R . 10.80 -7.53 12.11
C10 OLA R . 12.10 -7.61 12.06
C1 OLA S . -22.38 -10.24 -10.02
O1 OLA S . -23.62 -10.34 -10.06
O2 OLA S . -21.66 -10.90 -9.24
C2 OLA S . -21.70 -9.24 -10.94
C3 OLA S . -20.70 -8.35 -10.28
C4 OLA S . -20.06 -7.39 -11.26
C5 OLA S . -18.80 -6.72 -10.76
C6 OLA S . -18.08 -5.90 -11.80
C7 OLA S . -16.65 -5.53 -11.46
C8 OLA S . -15.97 -4.75 -12.53
C9 OLA S . -14.51 -4.50 -12.30
C10 OLA S . -13.74 -3.86 -13.15
C11 OLA S . -12.26 -3.65 -13.05
C1 OLA T . -11.02 -15.91 -5.14
O1 OLA T . -10.99 -17.08 -4.69
O2 OLA T . -12.03 -15.40 -5.66
C2 OLA T . -9.75 -15.07 -5.04
C3 OLA T . -9.15 -14.64 -6.35
C4 OLA T . -7.86 -13.85 -6.16
C5 OLA T . -7.09 -13.59 -7.44
C6 OLA T . -5.83 -12.77 -7.26
C7 OLA T . -5.05 -12.53 -8.55
C8 OLA T . -3.98 -11.47 -8.46
C9 OLA T . -2.64 -11.95 -7.99
C10 OLA T . -1.74 -12.61 -8.69
C11 OLA T . -1.89 -13.08 -10.10
C12 OLA T . -0.69 -12.84 -10.97
C13 OLA T . -0.84 -13.40 -12.38
C14 OLA T . 0.37 -13.24 -13.26
C15 OLA T . 0.21 -13.85 -14.63
C1 OLA U . 13.79 -14.60 -13.31
O1 OLA U . 14.02 -13.42 -12.99
O2 OLA U . 14.60 -15.31 -13.93
C2 OLA U . 12.45 -15.19 -12.92
C3 OLA U . 12.15 -15.12 -11.47
C4 OLA U . 10.67 -15.32 -11.17
C5 OLA U . 10.33 -15.29 -9.71
C6 OLA U . 8.86 -15.30 -9.40
C7 OLA U . 8.53 -15.41 -7.91
C8 OLA U . 7.12 -15.06 -7.56
C9 OLA U . 6.76 -15.35 -6.14
C10 OLA U . 5.66 -14.94 -5.56
C11 OLA U . 5.16 -15.34 -4.21
C12 OLA U . 4.44 -16.65 -4.20
C13 OLA U . 3.85 -17.03 -2.85
C14 OLA U . 3.13 -18.35 -2.84
C1 OLA V . 26.90 -2.18 -4.30
O1 OLA V . 26.54 -2.62 -5.40
O2 OLA V . 28.07 -1.85 -4.04
C2 OLA V . 25.86 -2.04 -3.19
C3 OLA V . 26.19 -2.84 -1.97
C4 OLA V . 25.29 -2.51 -0.80
C5 OLA V . 23.84 -2.89 -0.98
C6 OLA V . 22.92 -1.70 -1.11
C7 OLA V . 21.53 -1.93 -0.52
C8 OLA V . 21.54 -2.18 0.95
C9 OLA V . 20.29 -2.82 1.45
C10 OLA V . 20.17 -3.28 2.67
C11 OLA V . 19.11 -4.22 3.14
C12 OLA V . 19.30 -4.64 4.57
C13 OLA V . 18.26 -5.64 5.06
C14 OLA V . 18.35 -5.94 6.54
#